data_4OEZ
#
_entry.id   4OEZ
#
_cell.length_a   55.892
_cell.length_b   66.267
_cell.length_c   70.541
_cell.angle_alpha   90.00
_cell.angle_beta   90.00
_cell.angle_gamma   90.00
#
_symmetry.space_group_name_H-M   'P 21 21 21'
#
loop_
_entity.id
_entity.type
_entity.pdbx_description
1 polymer 'Androgen receptor'
2 polymer 'co-regulator peptide'
3 non-polymer 'SULFATE ION'
4 non-polymer 5-ALPHA-DIHYDROTESTOSTERONE
5 water water
#
loop_
_entity_poly.entity_id
_entity_poly.type
_entity_poly.pdbx_seq_one_letter_code
_entity_poly.pdbx_strand_id
1 'polypeptide(L)'
;QPIFLNVLEAIEPGVVCAGHDNNQPDSFAALLSSLNELGERQLVHVVKWAKALPGFRNLHVDDQMAVIQYSWMGLMVFAM
GWRSFTNVNSAMLYFAPDLVFNEYRMHKSRMYSQCVRMRHLSQEFGWLQITPQEFLCMKALLLFSIIPVDGLKNQKFFDE
LRMNYIKELDRIIACKRKNPTSCSRRFYQLTKLLDSVQPIARELHQFTFDLLIKSHMVSVDFPEMMAEIISVQVPKILSG
KVKPIYFHTQ
;
A
2 'polypeptide(L)' SDSAFSRLYTRS B
#
loop_
_chem_comp.id
_chem_comp.type
_chem_comp.name
_chem_comp.formula
DHT non-polymer 5-ALPHA-DIHYDROTESTOSTERONE 'C19 H30 O2'
SO4 non-polymer 'SULFATE ION' 'O4 S -2'
#
# COMPACT_ATOMS: atom_id res chain seq x y z
N GLN A 1 -22.21 -8.94 5.75
CA GLN A 1 -22.93 -10.23 5.91
C GLN A 1 -22.05 -11.42 6.30
N PRO A 2 -21.00 -11.81 5.49
CA PRO A 2 -20.10 -12.78 6.11
C PRO A 2 -19.48 -12.23 7.39
N ILE A 3 -19.12 -13.18 8.24
CA ILE A 3 -18.27 -12.86 9.38
C ILE A 3 -17.02 -12.13 8.82
N PHE A 4 -16.54 -12.62 7.68
CA PHE A 4 -15.37 -12.06 7.00
C PHE A 4 -15.49 -10.53 6.75
N LEU A 5 -16.54 -10.12 6.07
CA LEU A 5 -16.76 -8.73 5.78
C LEU A 5 -16.94 -7.92 7.07
N ASN A 6 -17.66 -8.48 8.02
CA ASN A 6 -17.84 -7.80 9.31
C ASN A 6 -16.48 -7.40 9.85
N VAL A 7 -15.54 -8.34 9.80
CA VAL A 7 -14.23 -8.15 10.39
C VAL A 7 -13.48 -7.05 9.62
N LEU A 8 -13.51 -7.11 8.27
CA LEU A 8 -12.77 -6.11 7.46
C LEU A 8 -13.27 -4.71 7.72
N GLU A 9 -14.58 -4.56 7.82
CA GLU A 9 -15.25 -3.25 8.10
C GLU A 9 -14.87 -2.74 9.46
N ALA A 10 -14.88 -3.61 10.45
CA ALA A 10 -14.56 -3.24 11.83
C ALA A 10 -13.12 -2.84 12.05
N ILE A 11 -12.18 -3.40 11.28
CA ILE A 11 -10.78 -3.14 11.59
C ILE A 11 -10.14 -2.06 10.71
N GLU A 12 -10.92 -1.52 9.78
CA GLU A 12 -10.37 -0.60 8.72
C GLU A 12 -9.85 0.68 9.41
N PRO A 13 -8.58 1.03 9.19
CA PRO A 13 -8.00 2.19 9.90
C PRO A 13 -8.78 3.46 9.62
N GLY A 14 -8.73 4.41 10.56
CA GLY A 14 -9.39 5.64 10.35
C GLY A 14 -8.41 6.64 9.76
N VAL A 15 -8.73 7.93 9.88
CA VAL A 15 -7.91 9.04 9.36
C VAL A 15 -6.54 9.15 9.96
N VAL A 16 -5.53 9.34 9.11
CA VAL A 16 -4.20 9.61 9.58
C VAL A 16 -3.68 10.93 8.98
N CYS A 17 -3.20 11.87 9.82
CA CYS A 17 -2.65 13.12 9.23
C CYS A 17 -1.13 12.97 9.07
N ALA A 18 -0.59 13.73 8.11
CA ALA A 18 0.83 13.71 7.84
C ALA A 18 1.62 14.60 8.82
N GLY A 19 1.00 15.62 9.43
CA GLY A 19 1.74 16.66 10.17
C GLY A 19 2.42 17.69 9.28
N HIS A 20 1.97 17.79 8.04
CA HIS A 20 2.57 18.72 7.10
C HIS A 20 2.27 20.20 7.44
N ASP A 21 3.29 21.05 7.33
CA ASP A 21 3.09 22.51 7.53
C ASP A 21 2.60 23.18 6.21
N ASN A 22 1.30 23.35 6.11
CA ASN A 22 0.69 23.90 4.89
C ASN A 22 0.93 25.41 4.74
N ASN A 23 1.69 26.00 5.64
CA ASN A 23 2.07 27.42 5.51
C ASN A 23 3.38 27.62 4.77
N GLN A 24 4.24 26.62 4.80
CA GLN A 24 5.53 26.74 4.13
C GLN A 24 5.34 26.46 2.64
N PRO A 25 6.21 27.05 1.81
CA PRO A 25 6.13 26.81 0.36
C PRO A 25 6.33 25.33 -0.01
N ASP A 26 5.59 24.90 -1.02
CA ASP A 26 5.85 23.58 -1.54
C ASP A 26 7.32 23.52 -1.98
N SER A 27 7.98 22.45 -1.59
CA SER A 27 9.38 22.26 -1.90
C SER A 27 9.55 20.79 -1.86
N PHE A 28 10.41 20.29 -2.75
CA PHE A 28 10.73 18.87 -2.76
C PHE A 28 10.96 18.38 -1.32
N ALA A 29 11.89 19.03 -0.62
CA ALA A 29 12.30 18.58 0.73
C ALA A 29 11.13 18.52 1.73
N ALA A 30 10.31 19.57 1.76
CA ALA A 30 9.21 19.63 2.73
C ALA A 30 8.13 18.61 2.33
N LEU A 31 7.90 18.49 1.03
CA LEU A 31 6.79 17.61 0.60
C LEU A 31 7.23 16.15 0.86
N LEU A 32 8.47 15.83 0.49
CA LEU A 32 8.86 14.41 0.60
C LEU A 32 9.07 14.05 2.07
N SER A 33 9.57 14.98 2.89
CA SER A 33 9.74 14.70 4.32
C SER A 33 8.35 14.42 4.97
N SER A 34 7.33 15.15 4.57
CA SER A 34 5.99 14.90 5.11
C SER A 34 5.39 13.58 4.59
N LEU A 35 5.64 13.23 3.32
CA LEU A 35 5.26 11.87 2.81
C LEU A 35 5.92 10.77 3.59
N ASN A 36 7.18 10.98 3.96
CA ASN A 36 7.94 9.95 4.71
C ASN A 36 7.38 9.81 6.12
N GLU A 37 7.03 10.93 6.70
CA GLU A 37 6.43 10.90 8.05
C GLU A 37 5.05 10.20 7.99
N LEU A 38 4.26 10.52 6.97
CA LEU A 38 2.99 9.92 6.77
C LEU A 38 3.16 8.41 6.66
N GLY A 39 4.18 8.01 5.89
CA GLY A 39 4.39 6.56 5.70
C GLY A 39 4.60 5.90 7.07
N GLU A 40 5.42 6.53 7.89
CA GLU A 40 5.76 5.98 9.22
C GLU A 40 4.52 5.83 10.06
N ARG A 41 3.74 6.89 10.05
CA ARG A 41 2.49 6.90 10.82
C ARG A 41 1.48 5.87 10.31
N GLN A 42 1.31 5.83 8.97
CA GLN A 42 0.47 4.80 8.40
C GLN A 42 0.98 3.40 8.68
N LEU A 43 2.28 3.19 8.73
CA LEU A 43 2.79 1.87 8.94
C LEU A 43 2.35 1.30 10.32
N VAL A 44 2.34 2.17 11.33
CA VAL A 44 1.78 1.80 12.65
C VAL A 44 0.35 1.26 12.50
N HIS A 45 -0.50 2.01 11.78
CA HIS A 45 -1.88 1.54 11.49
C HIS A 45 -1.94 0.24 10.69
N VAL A 46 -1.13 0.09 9.65
CA VAL A 46 -1.13 -1.11 8.84
C VAL A 46 -0.73 -2.33 9.68
N VAL A 47 0.23 -2.18 10.59
CA VAL A 47 0.57 -3.31 11.44
C VAL A 47 -0.64 -3.74 12.29
N LYS A 48 -1.31 -2.78 12.89
CA LYS A 48 -2.39 -3.13 13.86
C LYS A 48 -3.56 -3.73 13.09
N TRP A 49 -3.86 -3.14 11.95
CA TRP A 49 -4.84 -3.69 11.02
C TRP A 49 -4.51 -5.11 10.60
N ALA A 50 -3.30 -5.36 10.13
CA ALA A 50 -2.90 -6.69 9.60
C ALA A 50 -2.98 -7.80 10.65
N LYS A 51 -2.46 -7.51 11.85
CA LYS A 51 -2.51 -8.44 13.00
C LYS A 51 -3.97 -8.81 13.34
N ALA A 52 -4.90 -7.93 13.08
CA ALA A 52 -6.33 -8.20 13.29
C ALA A 52 -7.11 -8.92 12.15
N LEU A 53 -6.51 -9.25 10.98
CA LEU A 53 -7.19 -9.88 9.88
C LEU A 53 -7.48 -11.34 10.23
N PRO A 54 -8.56 -11.84 9.69
CA PRO A 54 -8.93 -13.27 9.78
C PRO A 54 -7.78 -14.14 9.28
N GLY A 55 -7.37 -15.09 10.12
CA GLY A 55 -6.35 -16.06 9.76
C GLY A 55 -4.90 -15.55 9.84
N PHE A 56 -4.69 -14.24 10.05
CA PHE A 56 -3.34 -13.67 9.89
C PHE A 56 -2.36 -14.29 10.86
N ARG A 57 -2.87 -14.62 12.07
CA ARG A 57 -2.06 -15.29 13.13
C ARG A 57 -1.66 -16.70 12.74
N ASN A 58 -2.27 -17.24 11.68
CA ASN A 58 -1.89 -18.52 11.11
C ASN A 58 -0.42 -18.50 10.74
N LEU A 59 0.05 -17.40 10.16
CA LEU A 59 1.43 -17.32 9.64
C LEU A 59 2.49 -17.41 10.72
N HIS A 60 3.64 -17.99 10.40
CA HIS A 60 4.80 -17.82 11.27
C HIS A 60 5.01 -16.32 11.55
N VAL A 61 5.51 -16.00 12.75
CA VAL A 61 5.79 -14.63 13.13
C VAL A 61 6.71 -13.88 12.20
N ASP A 62 7.74 -14.57 11.71
CA ASP A 62 8.66 -13.86 10.80
C ASP A 62 8.00 -13.59 9.44
N ASP A 63 7.07 -14.46 9.09
CA ASP A 63 6.28 -14.34 7.85
C ASP A 63 5.22 -13.23 7.98
N GLN A 64 4.56 -13.15 9.13
CA GLN A 64 3.73 -11.96 9.42
C GLN A 64 4.48 -10.66 9.19
N MET A 65 5.69 -10.55 9.76
CA MET A 65 6.47 -9.35 9.62
C MET A 65 6.96 -9.14 8.19
N ALA A 66 7.43 -10.19 7.57
CA ALA A 66 7.90 -10.08 6.18
C ALA A 66 6.79 -9.52 5.26
N VAL A 67 5.61 -10.08 5.37
CA VAL A 67 4.56 -9.80 4.40
C VAL A 67 4.17 -8.32 4.53
N ILE A 68 4.16 -7.80 5.76
CA ILE A 68 3.88 -6.37 5.96
C ILE A 68 4.97 -5.49 5.37
N GLN A 69 6.22 -5.88 5.60
CA GLN A 69 7.33 -5.09 5.14
C GLN A 69 7.52 -5.13 3.63
N TYR A 70 6.98 -6.14 2.96
CA TYR A 70 7.04 -6.12 1.51
C TYR A 70 5.84 -5.40 0.91
N SER A 71 4.69 -5.54 1.53
CA SER A 71 3.47 -5.12 0.87
C SER A 71 2.95 -3.69 1.22
N TRP A 72 3.57 -3.00 2.17
CA TRP A 72 3.01 -1.73 2.68
C TRP A 72 2.86 -0.66 1.57
N MET A 73 3.76 -0.61 0.59
CA MET A 73 3.63 0.42 -0.47
C MET A 73 2.37 0.25 -1.30
N GLY A 74 2.17 -0.98 -1.78
CA GLY A 74 0.94 -1.31 -2.54
C GLY A 74 -0.34 -1.00 -1.71
N LEU A 75 -0.31 -1.49 -0.49
CA LEU A 75 -1.45 -1.27 0.43
C LEU A 75 -1.80 0.20 0.58
N MET A 76 -0.79 1.01 0.85
CA MET A 76 -0.98 2.43 1.20
C MET A 76 -1.34 3.22 -0.05
N VAL A 77 -0.75 2.79 -1.16
CA VAL A 77 -1.07 3.43 -2.46
C VAL A 77 -2.56 3.13 -2.79
N PHE A 78 -2.99 1.89 -2.62
CA PHE A 78 -4.38 1.45 -2.96
C PHE A 78 -5.39 2.21 -2.10
N ALA A 79 -5.08 2.30 -0.80
CA ALA A 79 -5.95 3.00 0.15
C ALA A 79 -5.95 4.52 -0.14
N MET A 80 -4.82 5.05 -0.61
CA MET A 80 -4.77 6.49 -0.87
C MET A 80 -5.60 6.73 -2.12
N GLY A 81 -5.45 5.83 -3.09
CA GLY A 81 -6.23 5.95 -4.35
C GLY A 81 -7.72 5.94 -4.02
N TRP A 82 -8.15 5.13 -3.04
CA TRP A 82 -9.58 5.06 -2.63
C TRP A 82 -10.00 6.37 -1.94
N ARG A 83 -9.16 6.85 -1.00
CA ARG A 83 -9.40 8.17 -0.32
C ARG A 83 -9.61 9.27 -1.35
N SER A 84 -8.78 9.29 -2.36
CA SER A 84 -8.80 10.31 -3.39
C SER A 84 -10.10 10.24 -4.14
N PHE A 85 -10.46 9.02 -4.48
CA PHE A 85 -11.70 8.74 -5.16
C PHE A 85 -12.87 9.23 -4.36
N THR A 86 -12.97 8.82 -3.11
CA THR A 86 -14.11 9.19 -2.31
C THR A 86 -14.16 10.64 -1.83
N ASN A 87 -13.02 11.33 -1.76
CA ASN A 87 -13.04 12.70 -1.14
C ASN A 87 -13.01 13.76 -2.17
N VAL A 88 -12.33 13.53 -3.25
CA VAL A 88 -12.12 14.60 -4.17
C VAL A 88 -12.43 14.10 -5.57
N ASN A 89 -13.22 13.03 -5.63
CA ASN A 89 -13.49 12.31 -6.87
C ASN A 89 -12.33 12.16 -7.89
N SER A 90 -11.16 11.81 -7.34
CA SER A 90 -9.95 11.57 -8.11
C SER A 90 -9.27 12.77 -8.70
N ALA A 91 -9.74 13.99 -8.34
CA ALA A 91 -9.23 15.22 -8.92
C ALA A 91 -7.86 15.57 -8.39
N MET A 92 -7.61 15.19 -7.14
CA MET A 92 -6.28 15.36 -6.53
C MET A 92 -5.93 14.11 -5.69
N LEU A 93 -4.66 13.99 -5.25
CA LEU A 93 -4.21 12.80 -4.47
C LEU A 93 -4.35 13.18 -2.98
N TYR A 94 -5.30 12.53 -2.32
CA TYR A 94 -5.62 12.74 -0.90
C TYR A 94 -4.73 11.83 0.01
N PHE A 95 -3.45 12.17 0.06
CA PHE A 95 -2.54 11.39 0.93
C PHE A 95 -3.05 11.47 2.38
N ALA A 96 -3.47 12.65 2.79
CA ALA A 96 -3.98 12.82 4.15
C ALA A 96 -4.75 14.12 4.07
N PRO A 97 -5.58 14.40 5.09
CA PRO A 97 -6.35 15.63 5.12
C PRO A 97 -5.45 16.84 5.10
N ASP A 98 -4.25 16.74 5.67
CA ASP A 98 -3.30 17.90 5.65
C ASP A 98 -2.21 17.78 4.59
N LEU A 99 -2.40 16.87 3.63
CA LEU A 99 -1.39 16.70 2.54
C LEU A 99 -2.14 16.23 1.29
N VAL A 100 -2.82 17.17 0.63
CA VAL A 100 -3.55 16.83 -0.61
C VAL A 100 -2.71 17.38 -1.76
N PHE A 101 -2.37 16.56 -2.75
CA PHE A 101 -1.51 16.99 -3.84
C PHE A 101 -2.41 17.47 -4.96
N ASN A 102 -2.22 18.73 -5.32
CA ASN A 102 -2.63 19.19 -6.64
C ASN A 102 -1.56 18.95 -7.70
N GLU A 103 -1.84 19.31 -8.97
CA GLU A 103 -0.82 19.27 -10.02
C GLU A 103 0.48 19.91 -9.67
N TYR A 104 0.41 21.07 -9.03
CA TYR A 104 1.62 21.76 -8.66
C TYR A 104 2.53 20.93 -7.70
N ARG A 105 1.95 20.47 -6.61
CA ARG A 105 2.63 19.52 -5.77
C ARG A 105 3.00 18.24 -6.53
N MET A 106 2.15 17.66 -7.33
CA MET A 106 2.69 16.55 -8.11
C MET A 106 4.01 16.87 -8.76
N HIS A 107 4.11 18.08 -9.34
CA HIS A 107 5.32 18.49 -10.01
C HIS A 107 6.41 18.74 -9.01
N LYS A 108 6.14 19.47 -7.92
CA LYS A 108 7.21 19.82 -7.00
C LYS A 108 7.89 18.62 -6.29
N SER A 109 7.15 17.56 -6.10
CA SER A 109 7.62 16.32 -5.45
C SER A 109 8.60 15.53 -6.34
N ARG A 110 8.74 15.94 -7.61
CA ARG A 110 9.62 15.27 -8.57
C ARG A 110 9.18 13.85 -8.86
N MET A 111 7.89 13.60 -8.63
CA MET A 111 7.24 12.30 -8.75
C MET A 111 6.08 12.40 -9.66
N TYR A 112 6.13 13.36 -10.60
CA TYR A 112 4.91 13.60 -11.40
C TYR A 112 4.32 12.34 -12.14
N SER A 113 5.16 11.61 -12.87
CA SER A 113 4.67 10.45 -13.65
C SER A 113 3.97 9.48 -12.69
N GLN A 114 4.61 9.24 -11.55
CA GLN A 114 4.07 8.31 -10.55
C GLN A 114 2.75 8.81 -9.99
N CYS A 115 2.64 10.13 -9.71
CA CYS A 115 1.36 10.66 -9.29
C CYS A 115 0.24 10.50 -10.28
N VAL A 116 0.59 10.71 -11.56
CA VAL A 116 -0.36 10.52 -12.63
C VAL A 116 -0.77 9.05 -12.62
N ARG A 117 0.20 8.15 -12.49
CA ARG A 117 -0.11 6.70 -12.35
C ARG A 117 -1.10 6.48 -11.19
N MET A 118 -0.88 7.16 -10.05
CA MET A 118 -1.78 6.98 -8.90
C MET A 118 -3.13 7.64 -9.07
N ARG A 119 -3.14 8.81 -9.72
CA ARG A 119 -4.40 9.42 -10.01
C ARG A 119 -5.15 8.53 -11.01
N HIS A 120 -4.45 7.93 -11.96
CA HIS A 120 -5.13 6.98 -12.86
C HIS A 120 -5.85 5.80 -12.09
N LEU A 121 -5.09 5.12 -11.23
CA LEU A 121 -5.64 4.08 -10.33
C LEU A 121 -6.87 4.59 -9.66
N SER A 122 -6.74 5.76 -9.04
CA SER A 122 -7.85 6.35 -8.38
C SER A 122 -9.11 6.47 -9.27
N GLN A 123 -8.88 6.89 -10.54
CA GLN A 123 -9.98 7.11 -11.53
C GLN A 123 -10.59 5.77 -11.81
N GLU A 124 -9.76 4.72 -11.83
CA GLU A 124 -10.31 3.38 -11.99
C GLU A 124 -11.40 3.06 -10.97
N PHE A 125 -11.28 3.51 -9.71
CA PHE A 125 -12.34 3.18 -8.77
C PHE A 125 -13.63 3.77 -9.23
N GLY A 126 -13.51 4.89 -9.94
CA GLY A 126 -14.71 5.51 -10.50
C GLY A 126 -15.17 4.79 -11.77
N TRP A 127 -14.26 4.67 -12.76
CA TRP A 127 -14.57 4.10 -14.05
C TRP A 127 -15.07 2.68 -13.92
N LEU A 128 -14.53 1.90 -12.99
CA LEU A 128 -15.04 0.52 -12.73
C LEU A 128 -16.18 0.48 -11.72
N GLN A 129 -16.57 1.61 -11.14
CA GLN A 129 -17.62 1.55 -10.05
C GLN A 129 -17.38 0.51 -8.92
N ILE A 130 -16.21 0.56 -8.30
CA ILE A 130 -15.85 -0.40 -7.26
C ILE A 130 -16.62 -0.09 -5.97
N THR A 131 -17.14 -1.12 -5.33
CA THR A 131 -17.82 -0.97 -4.07
C THR A 131 -16.89 -0.96 -2.84
N PRO A 132 -17.34 -0.36 -1.71
CA PRO A 132 -16.60 -0.44 -0.42
C PRO A 132 -16.22 -1.87 -0.05
N GLN A 133 -17.13 -2.80 -0.30
CA GLN A 133 -16.87 -4.18 0.08
C GLN A 133 -15.83 -4.80 -0.84
N GLU A 134 -15.87 -4.46 -2.15
CA GLU A 134 -14.85 -4.92 -3.11
C GLU A 134 -13.52 -4.30 -2.72
N PHE A 135 -13.56 -2.99 -2.45
CA PHE A 135 -12.36 -2.29 -1.94
C PHE A 135 -11.70 -2.97 -0.74
N LEU A 136 -12.41 -3.22 0.37
CA LEU A 136 -11.82 -3.82 1.54
C LEU A 136 -11.21 -5.22 1.25
N CYS A 137 -11.91 -6.02 0.43
CA CYS A 137 -11.44 -7.39 0.11
C CYS A 137 -10.18 -7.32 -0.72
N MET A 138 -10.20 -6.40 -1.68
CA MET A 138 -9.09 -6.23 -2.57
C MET A 138 -7.86 -5.75 -1.76
N LYS A 139 -8.07 -4.76 -0.87
CA LYS A 139 -6.95 -4.27 -0.06
C LYS A 139 -6.39 -5.40 0.81
N ALA A 140 -7.27 -6.20 1.42
CA ALA A 140 -6.78 -7.33 2.25
C ALA A 140 -5.94 -8.26 1.41
N LEU A 141 -6.36 -8.49 0.18
CA LEU A 141 -5.54 -9.34 -0.74
C LEU A 141 -4.20 -8.77 -1.11
N LEU A 142 -4.02 -7.46 -1.18
CA LEU A 142 -2.74 -6.88 -1.45
C LEU A 142 -1.65 -7.18 -0.37
N LEU A 143 -2.09 -7.49 0.85
CA LEU A 143 -1.17 -7.86 1.93
C LEU A 143 -0.52 -9.18 1.56
N PHE A 144 -1.23 -9.99 0.77
CA PHE A 144 -0.77 -11.35 0.44
C PHE A 144 -0.37 -11.43 -1.03
N SER A 145 0.18 -10.32 -1.54
CA SER A 145 0.47 -10.22 -3.00
C SER A 145 1.94 -9.98 -3.31
N ILE A 146 2.83 -10.11 -2.31
CA ILE A 146 4.30 -10.05 -2.61
C ILE A 146 5.13 -10.87 -1.65
N ILE A 147 5.98 -11.75 -2.20
CA ILE A 147 6.66 -12.77 -1.42
C ILE A 147 8.04 -13.08 -2.04
N PRO A 148 8.92 -13.64 -1.24
CA PRO A 148 10.22 -13.98 -1.80
C PRO A 148 10.06 -15.13 -2.77
N VAL A 149 10.78 -15.05 -3.90
CA VAL A 149 10.74 -16.11 -4.96
C VAL A 149 11.03 -17.48 -4.30
N ASP A 150 11.89 -17.54 -3.28
CA ASP A 150 12.18 -18.81 -2.57
C ASP A 150 11.21 -19.15 -1.51
N GLY A 151 10.11 -18.43 -1.50
CA GLY A 151 9.08 -18.70 -0.50
C GLY A 151 9.33 -18.20 0.88
N LEU A 152 8.30 -18.32 1.71
CA LEU A 152 8.32 -17.88 3.10
C LEU A 152 8.75 -19.03 4.01
N LYS A 153 8.91 -18.73 5.29
CA LYS A 153 9.30 -19.70 6.31
C LYS A 153 8.27 -20.82 6.39
N ASN A 154 7.01 -20.47 6.54
CA ASN A 154 5.92 -21.43 6.43
C ASN A 154 5.02 -21.14 5.22
N GLN A 155 5.49 -21.46 4.03
CA GLN A 155 4.76 -21.16 2.80
C GLN A 155 3.35 -21.75 2.75
N LYS A 156 3.11 -22.95 3.31
CA LYS A 156 1.75 -23.59 3.21
C LYS A 156 0.67 -22.75 3.92
N PHE A 157 0.98 -22.14 5.07
CA PHE A 157 -0.01 -21.29 5.76
C PHE A 157 -0.37 -20.02 4.95
N PHE A 158 0.66 -19.41 4.37
CA PHE A 158 0.46 -18.30 3.44
C PHE A 158 -0.40 -18.68 2.24
N ASP A 159 -0.06 -19.78 1.56
CA ASP A 159 -0.90 -20.23 0.41
C ASP A 159 -2.40 -20.41 0.73
N GLU A 160 -2.68 -21.01 1.89
CA GLU A 160 -4.00 -21.28 2.34
C GLU A 160 -4.69 -19.95 2.62
N LEU A 161 -3.97 -19.06 3.25
CA LEU A 161 -4.56 -17.74 3.52
C LEU A 161 -4.89 -16.98 2.26
N ARG A 162 -3.95 -16.95 1.33
CA ARG A 162 -4.18 -16.20 0.09
C ARG A 162 -5.33 -16.83 -0.69
N MET A 163 -5.39 -18.16 -0.72
CA MET A 163 -6.43 -18.88 -1.44
C MET A 163 -7.77 -18.41 -0.86
N ASN A 164 -7.85 -18.32 0.47
CA ASN A 164 -9.14 -17.97 1.10
C ASN A 164 -9.56 -16.52 0.90
N TYR A 165 -8.59 -15.60 0.84
CA TYR A 165 -8.91 -14.21 0.57
C TYR A 165 -9.37 -14.03 -0.91
N ILE A 166 -8.80 -14.83 -1.80
CA ILE A 166 -9.32 -14.84 -3.22
C ILE A 166 -10.78 -15.30 -3.24
N LYS A 167 -11.07 -16.37 -2.50
CA LYS A 167 -12.38 -16.93 -2.39
C LYS A 167 -13.32 -15.90 -1.85
N GLU A 168 -12.84 -15.03 -0.95
CA GLU A 168 -13.72 -14.04 -0.33
C GLU A 168 -14.10 -12.91 -1.27
N LEU A 169 -13.13 -12.50 -2.09
CA LEU A 169 -13.36 -11.52 -3.11
C LEU A 169 -14.33 -12.04 -4.13
N ASP A 170 -14.19 -13.33 -4.41
CA ASP A 170 -15.06 -14.01 -5.34
C ASP A 170 -16.49 -14.10 -4.81
N ARG A 171 -16.61 -14.29 -3.49
CA ARG A 171 -17.88 -14.43 -2.78
C ARG A 171 -18.65 -13.10 -2.77
N ILE A 172 -17.95 -11.97 -2.63
CA ILE A 172 -18.65 -10.68 -2.63
C ILE A 172 -18.85 -10.14 -4.04
N ILE A 173 -18.25 -10.80 -5.01
CA ILE A 173 -18.69 -10.64 -6.40
C ILE A 173 -19.95 -11.53 -6.61
N ALA A 174 -19.88 -12.80 -6.19
CA ALA A 174 -21.00 -13.74 -6.28
C ALA A 174 -21.93 -13.72 -5.06
N SER A 182 -19.22 -11.97 -18.58
CA SER A 182 -20.56 -11.91 -18.00
C SER A 182 -20.54 -12.19 -16.49
N CYS A 183 -20.28 -11.13 -15.70
CA CYS A 183 -20.20 -11.15 -14.22
C CYS A 183 -18.79 -11.45 -13.69
N SER A 184 -18.27 -12.62 -14.02
CA SER A 184 -16.93 -12.94 -13.66
C SER A 184 -16.01 -12.24 -14.67
N ARG A 185 -16.58 -11.44 -15.58
CA ARG A 185 -15.75 -10.41 -16.28
C ARG A 185 -15.30 -9.35 -15.26
N ARG A 186 -16.11 -9.19 -14.21
CA ARG A 186 -15.83 -8.34 -13.03
C ARG A 186 -14.53 -8.87 -12.39
N PHE A 187 -14.42 -10.20 -12.23
CA PHE A 187 -13.23 -10.80 -11.65
C PHE A 187 -12.03 -10.51 -12.54
N TYR A 188 -12.16 -10.65 -13.87
CA TYR A 188 -11.06 -10.27 -14.75
C TYR A 188 -10.63 -8.86 -14.36
N GLN A 189 -11.61 -7.96 -14.30
CA GLN A 189 -11.28 -6.55 -14.14
C GLN A 189 -10.70 -6.20 -12.78
N LEU A 190 -11.29 -6.75 -11.73
CA LEU A 190 -10.79 -6.50 -10.36
C LEU A 190 -9.38 -7.09 -10.21
N THR A 191 -9.14 -8.30 -10.77
CA THR A 191 -7.78 -8.84 -10.73
C THR A 191 -6.82 -8.03 -11.55
N LYS A 192 -7.33 -7.48 -12.65
CA LYS A 192 -6.52 -6.61 -13.45
C LYS A 192 -6.17 -5.30 -12.71
N LEU A 193 -7.16 -4.76 -12.06
CA LEU A 193 -6.96 -3.56 -11.24
C LEU A 193 -5.93 -3.83 -10.10
N LEU A 194 -6.09 -4.96 -9.42
CA LEU A 194 -5.09 -5.39 -8.41
C LEU A 194 -3.69 -5.49 -8.95
N ASP A 195 -3.53 -6.16 -10.11
CA ASP A 195 -2.24 -6.18 -10.75
C ASP A 195 -1.73 -4.77 -10.99
N SER A 196 -2.61 -3.85 -11.39
CA SER A 196 -2.11 -2.49 -11.75
C SER A 196 -1.45 -1.73 -10.62
N VAL A 197 -1.66 -2.20 -9.41
CA VAL A 197 -0.97 -1.59 -8.23
C VAL A 197 0.50 -1.85 -8.21
N GLN A 198 0.90 -3.04 -8.68
CA GLN A 198 2.27 -3.47 -8.55
C GLN A 198 3.32 -2.66 -9.29
N PRO A 199 3.05 -2.35 -10.58
CA PRO A 199 4.06 -1.58 -11.29
C PRO A 199 4.22 -0.17 -10.62
N ILE A 200 3.11 0.41 -10.17
CA ILE A 200 3.15 1.71 -9.41
C ILE A 200 4.01 1.54 -8.19
N ALA A 201 3.77 0.46 -7.42
CA ALA A 201 4.53 0.28 -6.22
C ALA A 201 5.99 0.10 -6.52
N ARG A 202 6.29 -0.61 -7.62
CA ARG A 202 7.71 -0.82 -7.97
C ARG A 202 8.35 0.54 -8.28
N GLU A 203 7.66 1.39 -9.05
CA GLU A 203 8.26 2.68 -9.37
C GLU A 203 8.53 3.51 -8.15
N LEU A 204 7.65 3.36 -7.16
CA LEU A 204 7.77 4.10 -5.93
C LEU A 204 8.84 3.49 -5.07
N HIS A 205 8.99 2.18 -5.13
CA HIS A 205 10.10 1.53 -4.41
C HIS A 205 11.47 2.03 -4.94
N GLN A 206 11.60 2.15 -6.26
CA GLN A 206 12.88 2.64 -6.83
C GLN A 206 13.10 4.09 -6.43
N PHE A 207 12.02 4.85 -6.45
CA PHE A 207 12.08 6.30 -6.16
C PHE A 207 12.49 6.55 -4.73
N THR A 208 11.85 5.85 -3.79
CA THR A 208 12.14 6.05 -2.40
C THR A 208 13.54 5.56 -2.02
N PHE A 209 13.96 4.47 -2.68
CA PHE A 209 15.29 3.90 -2.45
C PHE A 209 16.38 4.93 -2.84
N ASP A 210 16.26 5.45 -4.08
CA ASP A 210 17.24 6.48 -4.61
C ASP A 210 17.21 7.70 -3.69
N LEU A 211 15.99 8.10 -3.29
CA LEU A 211 15.85 9.23 -2.42
C LEU A 211 16.52 8.97 -1.08
N LEU A 212 16.35 7.79 -0.51
CA LEU A 212 17.00 7.53 0.73
C LEU A 212 18.54 7.64 0.57
N ILE A 213 19.05 7.10 -0.53
CA ILE A 213 20.53 7.05 -0.72
C ILE A 213 21.04 8.48 -0.76
N LYS A 214 20.34 9.35 -1.51
CA LYS A 214 20.75 10.73 -1.67
C LYS A 214 20.13 11.72 -0.64
N SER A 215 19.47 11.18 0.41
CA SER A 215 18.67 12.00 1.35
C SER A 215 19.43 13.16 2.05
N HIS A 216 20.63 12.90 2.53
CA HIS A 216 21.41 13.97 3.19
C HIS A 216 21.65 15.19 2.30
N MET A 217 21.81 14.96 1.00
CA MET A 217 22.18 16.01 0.06
C MET A 217 20.99 16.86 -0.38
N VAL A 218 19.80 16.37 -0.03
CA VAL A 218 18.61 17.05 -0.52
C VAL A 218 17.75 17.40 0.68
N SER A 219 18.29 17.14 1.88
CA SER A 219 17.63 17.48 3.17
C SER A 219 16.22 16.89 3.20
N VAL A 220 16.11 15.61 2.80
CA VAL A 220 14.83 14.92 2.90
C VAL A 220 15.03 14.06 4.12
N ASP A 221 14.07 14.14 5.04
CA ASP A 221 14.12 13.48 6.31
C ASP A 221 13.39 12.14 6.17
N PHE A 222 14.06 11.03 6.51
CA PHE A 222 13.40 9.72 6.68
C PHE A 222 13.36 9.32 8.12
N PRO A 223 12.15 9.04 8.66
CA PRO A 223 11.99 8.43 10.01
C PRO A 223 12.59 7.03 10.16
N GLU A 224 12.77 6.63 11.41
CA GLU A 224 13.53 5.44 11.77
C GLU A 224 13.15 4.17 11.02
N MET A 225 11.92 3.78 11.19
CA MET A 225 11.49 2.53 10.65
C MET A 225 11.40 2.58 9.13
N MET A 226 11.11 3.75 8.53
CA MET A 226 11.15 3.91 7.08
C MET A 226 12.56 3.71 6.53
N ALA A 227 13.58 4.28 7.19
CA ALA A 227 14.94 4.15 6.71
C ALA A 227 15.39 2.69 6.72
N GLU A 228 15.08 2.01 7.82
CA GLU A 228 15.49 0.64 8.01
C GLU A 228 14.81 -0.24 6.96
N ILE A 229 13.49 -0.11 6.84
CA ILE A 229 12.74 -0.90 5.88
C ILE A 229 13.18 -0.60 4.44
N ILE A 230 13.41 0.67 4.11
CA ILE A 230 13.75 0.98 2.72
C ILE A 230 15.20 0.54 2.39
N SER A 231 16.03 0.38 3.40
CA SER A 231 17.40 -0.03 3.19
C SER A 231 17.57 -1.55 3.28
N VAL A 232 16.66 -2.20 4.00
CA VAL A 232 16.82 -3.67 4.26
C VAL A 232 15.84 -4.51 3.44
N GLN A 233 14.57 -4.12 3.42
CA GLN A 233 13.61 -4.93 2.73
C GLN A 233 13.42 -4.51 1.34
N VAL A 234 13.29 -3.19 1.13
CA VAL A 234 12.97 -2.71 -0.19
C VAL A 234 14.04 -3.19 -1.26
N PRO A 235 15.33 -3.22 -0.85
CA PRO A 235 16.33 -3.69 -1.84
C PRO A 235 16.14 -5.17 -2.21
N LYS A 236 15.62 -6.00 -1.28
CA LYS A 236 15.21 -7.37 -1.69
C LYS A 236 14.21 -7.43 -2.83
N ILE A 237 13.27 -6.47 -2.86
CA ILE A 237 12.36 -6.35 -3.98
C ILE A 237 13.09 -5.88 -5.25
N LEU A 238 13.80 -4.77 -5.13
CA LEU A 238 14.47 -4.20 -6.26
C LEU A 238 15.51 -5.18 -6.85
N SER A 239 16.19 -5.94 -6.01
CA SER A 239 17.15 -6.96 -6.48
C SER A 239 16.48 -8.18 -7.10
N GLY A 240 15.16 -8.30 -7.02
CA GLY A 240 14.45 -9.45 -7.63
C GLY A 240 14.29 -10.66 -6.70
N LYS A 241 14.78 -10.57 -5.45
CA LYS A 241 14.64 -11.64 -4.47
C LYS A 241 13.20 -11.82 -4.01
N VAL A 242 12.46 -10.73 -4.08
CA VAL A 242 11.09 -10.69 -3.58
C VAL A 242 10.32 -10.07 -4.71
N LYS A 243 9.22 -10.71 -5.11
CA LYS A 243 8.48 -10.34 -6.28
C LYS A 243 6.94 -10.38 -6.02
N PRO A 244 6.17 -9.47 -6.66
CA PRO A 244 4.70 -9.57 -6.59
C PRO A 244 4.17 -10.80 -7.24
N ILE A 245 3.04 -11.28 -6.70
CA ILE A 245 2.21 -12.26 -7.34
C ILE A 245 1.22 -11.56 -8.30
N TYR A 246 1.37 -11.71 -9.62
CA TYR A 246 0.37 -11.12 -10.53
C TYR A 246 -0.66 -12.12 -10.84
N PHE A 247 -1.89 -11.69 -11.12
CA PHE A 247 -2.93 -12.60 -11.56
C PHE A 247 -2.69 -12.93 -13.02
N HIS A 248 -2.34 -11.88 -13.77
CA HIS A 248 -2.22 -11.92 -15.24
C HIS A 248 -0.77 -11.82 -15.63
N THR A 249 -0.39 -12.63 -16.61
CA THR A 249 1.01 -12.88 -16.87
C THR A 249 1.71 -11.63 -17.44
N SER B 3 15.74 -4.96 14.61
CA SER B 3 15.04 -3.90 13.81
C SER B 3 13.95 -3.09 14.61
N ALA B 4 13.79 -1.80 14.27
CA ALA B 4 12.69 -0.94 14.81
C ALA B 4 11.29 -1.50 14.43
N PHE B 5 11.18 -2.00 13.18
CA PHE B 5 9.96 -2.74 12.76
C PHE B 5 9.61 -3.92 13.67
N SER B 6 10.54 -4.88 13.84
CA SER B 6 10.29 -6.08 14.71
C SER B 6 9.97 -5.69 16.17
N ARG B 7 10.67 -4.68 16.69
CA ARG B 7 10.32 -4.09 17.99
C ARG B 7 8.88 -3.53 18.03
N LEU B 8 8.46 -2.82 16.98
CA LEU B 8 7.05 -2.36 16.84
C LEU B 8 6.08 -3.55 16.76
N TYR B 9 6.43 -4.53 15.91
CA TYR B 9 5.57 -5.70 15.71
C TYR B 9 5.39 -6.53 16.99
N THR B 10 6.50 -6.94 17.62
CA THR B 10 6.53 -7.86 18.79
C THR B 10 6.72 -7.11 20.11
S SO4 C . 12.32 22.76 -5.18
O1 SO4 C . 11.98 24.06 -5.76
O2 SO4 C . 12.92 21.94 -6.22
O3 SO4 C . 11.03 22.15 -4.76
O4 SO4 C . 13.29 22.86 -4.05
C1 DHT D . 2.58 7.42 2.27
C2 DHT D . 1.14 6.93 2.49
C3 DHT D . 0.24 7.14 1.29
O3 DHT D . -0.91 7.62 1.42
C4 DHT D . 0.76 6.79 -0.08
C5 DHT D . 2.21 7.31 -0.23
C6 DHT D . 2.67 6.90 -1.64
C7 DHT D . 4.06 7.47 -1.89
C8 DHT D . 5.08 7.23 -0.77
C9 DHT D . 4.50 7.60 0.64
C10 DHT D . 3.18 6.90 0.93
C11 DHT D . 5.58 7.37 1.71
C12 DHT D . 6.96 8.03 1.52
C13 DHT D . 7.44 7.73 0.11
C14 DHT D . 6.33 8.04 -0.95
C15 DHT D . 7.02 7.87 -2.32
C16 DHT D . 8.42 8.40 -1.97
C17 DHT D . 8.51 8.66 -0.46
O17 DHT D . 9.82 8.37 0.03
C18 DHT D . 7.95 6.25 0.05
C19 DHT D . 3.28 5.35 1.12
#